data_3IJ3
#
_entry.id   3IJ3
#
_cell.length_a   112.803
_cell.length_b   112.803
_cell.length_c   78.089
_cell.angle_alpha   90.00
_cell.angle_beta   90.00
_cell.angle_gamma   120.00
#
_symmetry.space_group_name_H-M   'P 3 2 1'
#
loop_
_entity.id
_entity.type
_entity.pdbx_description
1 polymer 'Cytosol aminopeptidase'
2 non-polymer 'CHLORIDE ION'
3 non-polymer 'LITHIUM ION'
4 non-polymer 'SULFATE ION'
5 non-polymer 1,2-ETHANEDIOL
6 non-polymer DI(HYDROXYETHYL)ETHER
7 non-polymer 'TRIETHYLENE GLYCOL'
8 non-polymer 'TETRAETHYLENE GLYCOL'
9 water water
#
_entity_poly.entity_id   1
_entity_poly.type   'polypeptide(L)'
_entity_poly.pdbx_seq_one_letter_code
;MHHHHHHSSGVDLGTENLYFQSNAMADCYLTEKKKNFIPIQPMMPDELPDWLDTQDARTQQWVKASGFVGLAGTICSIPE
STGALQRVLLGVSDYEYSWDFGGLSKVLPPGAFQLNRDDFEDDEYYERALLAFGLGSYQFNAYRKRSPYLAKLFLPQAHR
KRVTDWLTTIYLIRDLINTPAEDMGPSELAQAVKHVAKEFEAKVKIIESKDLETEFPAIYAVGRAGSRPPLLIDLKWGDI
KAPKVTLVGKGVCFDSGGLDIKTPGGMLLMKKDMGGAAHALGLARMIMLQQLPVRLRLLIPAVENAIGSRSYRPGDVVQT
RARKTIEITNTDAEGRVVLADALAEAVKEDPDLIIDFSTLTGAARIALGPNLPALFANQDSLAQALIDASLKTDDPLWRL
PLFQPYRNYLKSEVADLTNSSQNRMAGAITAALFLQHFVSDQIPWAHFDIFAWNLEDLPGRPIGGEAMALRAVFHYLEQQ
YR
;
_entity_poly.pdbx_strand_id   A
#
loop_
_chem_comp.id
_chem_comp.type
_chem_comp.name
_chem_comp.formula
CL non-polymer 'CHLORIDE ION' 'Cl -1'
EDO non-polymer 1,2-ETHANEDIOL 'C2 H6 O2'
LI non-polymer 'LITHIUM ION' 'Li 1'
PEG non-polymer DI(HYDROXYETHYL)ETHER 'C4 H10 O3'
PG4 non-polymer 'TETRAETHYLENE GLYCOL' 'C8 H18 O5'
PGE non-polymer 'TRIETHYLENE GLYCOL' 'C6 H14 O4'
SO4 non-polymer 'SULFATE ION' 'O4 S -2'
#
# COMPACT_ATOMS: atom_id res chain seq x y z
N ALA A 26 11.14 -9.82 -10.79
CA ALA A 26 12.23 -10.14 -9.83
C ALA A 26 13.60 -10.24 -10.53
N ASP A 27 13.73 -9.61 -11.70
CA ASP A 27 15.02 -9.67 -12.41
C ASP A 27 16.10 -8.71 -11.85
N CYS A 28 15.79 -8.01 -10.75
CA CYS A 28 16.81 -7.19 -10.06
C CYS A 28 17.64 -8.10 -9.13
N TYR A 29 17.22 -9.36 -8.97
CA TYR A 29 17.90 -10.30 -8.09
C TYR A 29 18.55 -11.45 -8.83
N LEU A 30 19.58 -12.01 -8.20
CA LEU A 30 20.28 -13.17 -8.69
C LEU A 30 20.00 -14.29 -7.70
N THR A 31 19.78 -15.51 -8.19
CA THR A 31 19.47 -16.61 -7.30
C THR A 31 20.49 -17.75 -7.27
N GLU A 32 21.46 -17.76 -8.16
CA GLU A 32 22.51 -18.78 -8.12
C GLU A 32 23.70 -18.25 -7.34
N LYS A 33 24.01 -18.88 -6.21
CA LYS A 33 25.12 -18.42 -5.38
C LYS A 33 26.48 -18.61 -6.05
N LYS A 34 27.32 -17.58 -5.96
CA LYS A 34 28.67 -17.60 -6.55
C LYS A 34 29.68 -16.91 -5.65
N LYS A 35 30.95 -17.29 -5.82
CA LYS A 35 32.05 -16.75 -5.02
C LYS A 35 32.68 -15.47 -5.58
N ASN A 36 32.16 -14.96 -6.70
CA ASN A 36 32.72 -13.75 -7.32
C ASN A 36 31.80 -12.51 -7.38
N PHE A 37 30.80 -12.44 -6.50
CA PHE A 37 29.95 -11.25 -6.50
C PHE A 37 30.71 -10.07 -5.86
N ILE A 38 30.33 -8.84 -6.21
CA ILE A 38 30.95 -7.62 -5.65
C ILE A 38 30.23 -7.25 -4.33
N PRO A 39 30.98 -7.23 -3.21
CA PRO A 39 30.31 -6.88 -1.96
C PRO A 39 29.91 -5.41 -1.85
N ILE A 40 28.73 -5.19 -1.25
CA ILE A 40 28.22 -3.86 -0.90
C ILE A 40 28.22 -3.88 0.62
N GLN A 41 28.89 -2.91 1.23
CA GLN A 41 29.03 -2.86 2.68
C GLN A 41 28.53 -1.53 3.26
N PRO A 42 27.60 -1.58 4.23
CA PRO A 42 27.17 -0.32 4.83
C PRO A 42 28.27 0.26 5.72
N MET A 43 28.29 1.58 5.82
CA MET A 43 29.31 2.27 6.58
C MET A 43 28.80 3.58 7.15
N MET A 44 29.21 3.87 8.37
CA MET A 44 28.89 5.14 9.01
C MET A 44 30.22 5.85 9.23
N PRO A 45 30.19 7.19 9.30
CA PRO A 45 31.40 7.97 9.47
C PRO A 45 32.32 7.53 10.60
N ASP A 46 31.74 7.21 11.76
CA ASP A 46 32.54 6.84 12.92
C ASP A 46 33.33 5.56 12.76
N GLU A 47 32.86 4.65 11.92
CA GLU A 47 33.54 3.37 11.73
C GLU A 47 34.55 3.36 10.60
N LEU A 48 34.51 4.39 9.76
CA LEU A 48 35.36 4.41 8.56
C LEU A 48 36.88 4.41 8.85
N PRO A 49 37.34 5.25 9.81
CA PRO A 49 38.77 5.29 10.08
C PRO A 49 39.35 3.93 10.48
N ASP A 50 38.70 3.26 11.42
CA ASP A 50 39.13 1.92 11.86
C ASP A 50 39.03 0.89 10.75
N TRP A 51 37.99 0.98 9.93
CA TRP A 51 37.84 0.04 8.83
C TRP A 51 39.00 0.23 7.84
N LEU A 52 39.30 1.48 7.50
CA LEU A 52 40.40 1.78 6.55
C LEU A 52 41.72 1.19 7.00
N ASP A 53 41.95 1.18 8.30
CA ASP A 53 43.18 0.60 8.85
C ASP A 53 43.34 -0.89 8.53
N THR A 54 42.24 -1.58 8.21
CA THR A 54 42.28 -3.00 7.87
C THR A 54 42.49 -3.25 6.38
N GLN A 55 42.51 -2.17 5.58
CA GLN A 55 42.62 -2.30 4.13
C GLN A 55 44.02 -2.04 3.62
N ASP A 56 44.27 -2.42 2.38
CA ASP A 56 45.58 -2.20 1.78
C ASP A 56 45.83 -0.72 1.43
N ALA A 57 47.07 -0.41 1.06
CA ALA A 57 47.48 0.96 0.76
C ALA A 57 46.63 1.65 -0.29
N ARG A 58 46.47 0.99 -1.44
CA ARG A 58 45.69 1.51 -2.55
C ARG A 58 44.25 1.84 -2.13
N THR A 59 43.63 0.96 -1.34
CA THR A 59 42.25 1.16 -0.88
C THR A 59 42.17 2.39 0.06
N GLN A 60 43.13 2.49 0.99
CA GLN A 60 43.17 3.64 1.89
C GLN A 60 43.33 4.94 1.09
N GLN A 61 44.22 4.96 0.11
CA GLN A 61 44.42 6.17 -0.71
C GLN A 61 43.17 6.55 -1.50
N TRP A 62 42.52 5.54 -2.07
CA TRP A 62 41.33 5.79 -2.90
C TRP A 62 40.15 6.34 -2.10
N VAL A 63 39.85 5.72 -0.97
CA VAL A 63 38.74 6.19 -0.15
C VAL A 63 38.99 7.64 0.29
N LYS A 64 40.22 7.96 0.67
CA LYS A 64 40.58 9.34 1.03
C LYS A 64 40.49 10.27 -0.20
N ALA A 65 41.05 9.83 -1.33
CA ALA A 65 41.03 10.64 -2.55
C ALA A 65 39.62 10.89 -3.11
N SER A 66 38.71 9.97 -2.86
CA SER A 66 37.33 10.07 -3.36
C SER A 66 36.47 11.07 -2.61
N GLY A 67 36.82 11.38 -1.36
CA GLY A 67 36.02 12.30 -0.55
C GLY A 67 34.86 11.62 0.18
N PHE A 68 34.79 10.30 0.09
CA PHE A 68 33.73 9.55 0.78
C PHE A 68 34.01 9.60 2.26
N VAL A 69 33.00 9.99 3.02
CA VAL A 69 33.11 10.07 4.48
C VAL A 69 31.96 9.35 5.21
N GLY A 70 31.13 8.63 4.47
CA GLY A 70 30.03 7.89 5.08
C GLY A 70 28.70 8.58 5.12
N LEU A 71 28.54 9.67 4.38
N LEU A 71 28.53 9.66 4.35
CA LEU A 71 27.24 10.37 4.37
CA LEU A 71 27.26 10.38 4.29
C LEU A 71 26.19 9.44 3.81
C LEU A 71 26.17 9.44 3.78
N ALA A 72 25.02 9.44 4.46
CA ALA A 72 23.90 8.57 4.07
C ALA A 72 23.54 8.70 2.59
N GLY A 73 23.45 7.56 1.90
CA GLY A 73 23.08 7.55 0.48
C GLY A 73 24.23 7.72 -0.50
N THR A 74 25.42 8.06 -0.02
CA THR A 74 26.57 8.21 -0.92
C THR A 74 27.26 6.88 -0.98
N ILE A 75 28.01 6.64 -2.05
CA ILE A 75 28.75 5.40 -2.18
C ILE A 75 30.21 5.66 -2.56
N CYS A 76 31.03 4.66 -2.32
CA CYS A 76 32.42 4.69 -2.73
C CYS A 76 32.69 3.36 -3.43
N SER A 77 32.85 3.42 -4.76
CA SER A 77 33.21 2.24 -5.56
C SER A 77 34.72 2.11 -5.52
N ILE A 78 35.21 1.01 -4.95
CA ILE A 78 36.64 0.77 -4.75
C ILE A 78 37.21 -0.16 -5.80
N PRO A 79 38.28 0.27 -6.50
CA PRO A 79 38.87 -0.62 -7.51
C PRO A 79 39.80 -1.70 -7.02
N GLU A 80 39.85 -2.79 -7.79
CA GLU A 80 40.81 -3.85 -7.58
C GLU A 80 42.05 -3.28 -8.26
N SER A 81 43.20 -3.93 -8.12
CA SER A 81 44.45 -3.46 -8.80
C SER A 81 44.30 -3.56 -10.32
N THR A 82 43.37 -4.39 -10.78
CA THR A 82 43.08 -4.55 -12.18
C THR A 82 42.21 -3.42 -12.74
N GLY A 83 41.55 -2.69 -11.86
CA GLY A 83 40.64 -1.65 -12.32
C GLY A 83 39.21 -2.13 -12.31
N ALA A 84 38.99 -3.42 -12.04
CA ALA A 84 37.63 -3.93 -11.91
C ALA A 84 37.15 -3.48 -10.55
N LEU A 85 35.85 -3.63 -10.27
N LEU A 85 35.86 -3.62 -10.28
CA LEU A 85 35.28 -3.19 -8.99
CA LEU A 85 35.32 -3.23 -8.98
C LEU A 85 35.51 -4.24 -7.90
C LEU A 85 35.64 -4.28 -7.94
N GLN A 86 36.09 -3.82 -6.79
CA GLN A 86 36.40 -4.69 -5.66
C GLN A 86 35.24 -4.71 -4.63
N ARG A 87 34.67 -3.54 -4.37
CA ARG A 87 33.67 -3.37 -3.30
C ARG A 87 33.02 -2.04 -3.39
N VAL A 88 31.80 -1.95 -2.87
CA VAL A 88 31.12 -0.68 -2.82
C VAL A 88 30.75 -0.37 -1.37
N LEU A 89 31.19 0.77 -0.85
CA LEU A 89 30.76 1.20 0.48
C LEU A 89 29.51 2.05 0.29
N LEU A 90 28.52 1.84 1.15
CA LEU A 90 27.28 2.63 1.15
C LEU A 90 27.16 3.37 2.50
N GLY A 91 27.12 4.69 2.45
CA GLY A 91 26.92 5.45 3.69
C GLY A 91 25.47 5.23 4.14
N VAL A 92 25.27 4.91 5.42
CA VAL A 92 23.93 4.71 5.96
C VAL A 92 23.62 5.66 7.14
N SER A 93 22.35 6.04 7.28
N SER A 93 22.34 5.95 7.37
CA SER A 93 21.88 6.96 8.34
CA SER A 93 21.93 6.83 8.47
C SER A 93 22.10 6.30 9.70
C SER A 93 22.18 6.10 9.80
N ASP A 94 21.95 4.97 9.70
N ASP A 94 21.89 4.80 9.83
CA ASP A 94 22.15 4.10 10.87
CA ASP A 94 22.21 4.01 10.99
C ASP A 94 22.24 2.65 10.36
C ASP A 94 22.18 2.62 10.42
N TYR A 95 22.82 1.71 11.12
CA TYR A 95 22.92 0.32 10.66
C TYR A 95 21.58 -0.45 10.64
N GLU A 96 20.52 0.15 11.21
CA GLU A 96 19.18 -0.45 11.21
C GLU A 96 18.12 0.32 10.39
N TYR A 97 18.51 1.34 9.63
CA TYR A 97 17.54 2.14 8.86
C TYR A 97 17.00 1.44 7.58
N SER A 98 17.88 0.76 6.85
CA SER A 98 17.48 -0.02 5.65
C SER A 98 17.14 0.71 4.34
N TRP A 99 16.34 1.78 4.37
CA TRP A 99 16.01 2.50 3.14
C TRP A 99 17.20 3.06 2.38
N ASP A 100 18.37 3.25 3.01
CA ASP A 100 19.51 3.76 2.23
C ASP A 100 19.83 2.78 1.09
N PHE A 101 19.61 1.48 1.35
CA PHE A 101 19.81 0.44 0.33
C PHE A 101 18.86 0.62 -0.85
N GLY A 102 17.72 1.26 -0.63
CA GLY A 102 16.78 1.51 -1.71
C GLY A 102 17.34 2.37 -2.83
N GLY A 103 18.32 3.23 -2.52
CA GLY A 103 18.89 4.09 -3.54
C GLY A 103 19.96 3.46 -4.41
N LEU A 104 20.34 2.22 -4.14
CA LEU A 104 21.47 1.59 -4.84
C LEU A 104 21.36 1.41 -6.36
N SER A 105 20.19 0.96 -6.85
N SER A 105 20.19 0.98 -6.85
CA SER A 105 20.06 0.78 -8.29
CA SER A 105 20.04 0.76 -8.28
C SER A 105 20.34 2.03 -9.10
C SER A 105 20.34 2.02 -9.09
N LYS A 106 20.02 3.19 -8.54
CA LYS A 106 20.26 4.46 -9.25
C LYS A 106 21.70 4.97 -9.26
N VAL A 107 22.55 4.42 -8.40
CA VAL A 107 23.94 4.88 -8.29
C VAL A 107 24.99 3.80 -8.55
N LEU A 108 24.61 2.53 -8.44
CA LEU A 108 25.59 1.45 -8.61
C LEU A 108 26.11 1.28 -10.00
N PRO A 109 27.41 0.98 -10.11
CA PRO A 109 27.92 0.64 -11.41
C PRO A 109 27.30 -0.70 -11.85
N PRO A 110 27.48 -1.09 -13.11
CA PRO A 110 26.96 -2.39 -13.55
C PRO A 110 27.61 -3.57 -12.81
N GLY A 111 26.85 -4.65 -12.61
CA GLY A 111 27.41 -5.84 -11.97
C GLY A 111 26.49 -6.69 -11.14
N ALA A 112 27.08 -7.77 -10.60
CA ALA A 112 26.42 -8.73 -9.74
C ALA A 112 26.95 -8.46 -8.35
N PHE A 113 26.08 -8.04 -7.44
CA PHE A 113 26.49 -7.64 -6.09
C PHE A 113 25.94 -8.55 -5.01
N GLN A 114 26.45 -8.41 -3.80
N GLN A 114 26.48 -8.41 -3.81
CA GLN A 114 25.95 -9.20 -2.69
CA GLN A 114 26.09 -9.22 -2.68
C GLN A 114 26.10 -8.39 -1.43
C GLN A 114 26.20 -8.47 -1.36
N LEU A 115 25.22 -8.66 -0.48
CA LEU A 115 25.27 -8.06 0.86
C LEU A 115 25.91 -9.11 1.74
N ASN A 116 26.39 -8.72 2.92
CA ASN A 116 26.97 -9.66 3.90
C ASN A 116 26.12 -9.64 5.16
N ARG A 117 25.59 -10.81 5.52
CA ARG A 117 24.74 -10.98 6.72
C ARG A 117 25.40 -10.44 7.98
N ASP A 118 26.72 -10.60 8.06
CA ASP A 118 27.48 -10.13 9.21
C ASP A 118 27.47 -8.62 9.40
N ASP A 119 27.08 -7.87 8.37
CA ASP A 119 27.02 -6.40 8.47
C ASP A 119 25.75 -5.89 9.12
N PHE A 120 24.82 -6.80 9.46
CA PHE A 120 23.53 -6.45 10.07
C PHE A 120 23.37 -7.02 11.47
N GLU A 121 22.64 -6.30 12.31
CA GLU A 121 22.39 -6.69 13.71
C GLU A 121 21.56 -7.98 13.81
N ASP A 122 20.65 -8.17 12.86
N ASP A 122 20.58 -8.12 12.93
CA ASP A 122 19.71 -9.32 12.84
CA ASP A 122 19.80 -9.31 12.91
C ASP A 122 19.27 -9.67 11.40
C ASP A 122 19.39 -9.48 11.48
N ASP A 123 18.79 -10.91 11.15
N ASP A 123 18.95 -10.69 11.13
CA ASP A 123 18.34 -11.29 9.80
CA ASP A 123 18.55 -11.04 9.77
C ASP A 123 17.22 -10.39 9.29
C ASP A 123 17.32 -10.25 9.28
N GLU A 124 16.49 -9.76 10.21
CA GLU A 124 15.37 -8.92 9.85
C GLU A 124 15.87 -7.69 9.09
N TYR A 125 16.96 -7.08 9.56
CA TYR A 125 17.49 -5.89 8.89
C TYR A 125 18.15 -6.26 7.57
N TYR A 126 18.75 -7.46 7.52
CA TYR A 126 19.36 -7.99 6.31
C TYR A 126 18.27 -8.16 5.24
N GLU A 127 17.16 -8.74 5.65
CA GLU A 127 16.04 -8.96 4.73
C GLU A 127 15.43 -7.63 4.25
N ARG A 128 15.30 -6.64 5.15
CA ARG A 128 14.79 -5.32 4.74
C ARG A 128 15.71 -4.63 3.72
N ALA A 129 17.02 -4.78 3.90
CA ALA A 129 17.97 -4.22 2.96
C ALA A 129 17.82 -4.90 1.60
N LEU A 130 17.70 -6.23 1.59
CA LEU A 130 17.51 -6.96 0.33
C LEU A 130 16.24 -6.46 -0.40
N LEU A 131 15.16 -6.32 0.34
CA LEU A 131 13.89 -5.84 -0.22
C LEU A 131 14.00 -4.39 -0.72
N ALA A 132 14.60 -3.51 0.08
CA ALA A 132 14.76 -2.09 -0.30
C ALA A 132 15.50 -1.98 -1.61
N PHE A 133 16.53 -2.81 -1.81
CA PHE A 133 17.23 -2.79 -3.10
C PHE A 133 16.26 -3.02 -4.25
N GLY A 134 15.41 -4.05 -4.11
CA GLY A 134 14.43 -4.38 -5.13
C GLY A 134 13.41 -3.25 -5.34
N LEU A 135 12.93 -2.67 -4.25
CA LEU A 135 11.95 -1.56 -4.33
C LEU A 135 12.49 -0.35 -5.06
N GLY A 136 13.78 -0.08 -4.91
CA GLY A 136 14.42 1.01 -5.61
C GLY A 136 14.75 0.72 -7.06
N SER A 137 14.59 -0.54 -7.48
CA SER A 137 14.83 -0.94 -8.88
C SER A 137 13.57 -0.84 -9.76
N TYR A 138 12.46 -0.47 -9.13
CA TYR A 138 11.18 -0.35 -9.81
C TYR A 138 11.11 0.76 -10.85
N GLN A 139 10.58 0.39 -12.03
CA GLN A 139 10.35 1.31 -13.12
C GLN A 139 8.99 0.97 -13.76
N PHE A 140 8.08 1.92 -13.80
CA PHE A 140 6.77 1.68 -14.45
C PHE A 140 7.00 1.95 -15.95
N ASN A 141 6.98 0.90 -16.77
N ASN A 141 7.00 0.89 -16.77
CA ASN A 141 7.31 1.03 -18.20
CA ASN A 141 7.32 0.98 -18.21
C ASN A 141 6.22 0.66 -19.20
C ASN A 141 6.21 0.64 -19.20
N ALA A 142 4.96 0.66 -18.75
CA ALA A 142 3.86 0.33 -19.62
C ALA A 142 3.59 1.35 -20.75
N TYR A 143 4.06 2.58 -20.58
CA TYR A 143 3.79 3.64 -21.55
C TYR A 143 5.01 4.31 -22.15
N ARG A 144 6.21 3.90 -21.72
CA ARG A 144 7.45 4.41 -22.31
C ARG A 144 8.56 3.39 -22.13
N LYS A 145 9.51 3.40 -23.05
CA LYS A 145 10.64 2.49 -22.95
C LYS A 145 11.62 3.03 -21.95
N ARG A 146 12.14 2.17 -21.09
CA ARG A 146 13.15 2.60 -20.14
C ARG A 146 14.27 1.57 -20.06
N SER A 147 15.50 2.05 -19.95
CA SER A 147 16.65 1.16 -19.84
C SER A 147 16.63 0.58 -18.44
N PRO A 148 16.72 -0.74 -18.32
CA PRO A 148 16.70 -1.32 -16.98
C PRO A 148 18.03 -1.06 -16.28
N TYR A 149 18.01 -1.07 -14.95
CA TYR A 149 19.21 -0.85 -14.17
C TYR A 149 20.15 -2.02 -14.41
N LEU A 150 21.44 -1.75 -14.36
CA LEU A 150 22.45 -2.79 -14.65
C LEU A 150 23.06 -3.46 -13.43
N ALA A 151 22.65 -3.05 -12.24
CA ALA A 151 23.13 -3.68 -11.02
C ALA A 151 22.08 -4.68 -10.54
N LYS A 152 22.54 -5.88 -10.18
CA LYS A 152 21.66 -6.93 -9.64
C LYS A 152 22.24 -7.41 -8.33
N LEU A 153 21.36 -7.88 -7.43
CA LEU A 153 21.78 -8.31 -6.09
C LEU A 153 21.44 -9.75 -5.83
N PHE A 154 22.39 -10.46 -5.21
CA PHE A 154 22.16 -11.82 -4.86
C PHE A 154 21.11 -11.90 -3.75
N LEU A 155 20.14 -12.81 -3.92
CA LEU A 155 19.10 -13.05 -2.93
C LEU A 155 19.25 -14.47 -2.36
N PRO A 156 19.75 -14.60 -1.11
CA PRO A 156 19.97 -15.92 -0.51
C PRO A 156 18.68 -16.73 -0.38
N GLN A 157 18.80 -18.04 -0.49
CA GLN A 157 17.65 -18.94 -0.47
C GLN A 157 16.81 -18.81 0.80
N ALA A 158 17.47 -18.55 1.92
CA ALA A 158 16.78 -18.41 3.22
C ALA A 158 15.78 -17.25 3.26
N HIS A 159 16.01 -16.23 2.43
CA HIS A 159 15.16 -15.05 2.43
C HIS A 159 14.43 -14.86 1.12
N ARG A 160 14.63 -15.77 0.19
CA ARG A 160 14.11 -15.61 -1.16
C ARG A 160 12.60 -15.52 -1.28
N LYS A 161 11.88 -16.44 -0.62
CA LYS A 161 10.42 -16.45 -0.69
C LYS A 161 9.82 -15.16 -0.06
N ARG A 162 10.26 -14.83 1.14
CA ARG A 162 9.70 -13.66 1.81
C ARG A 162 9.98 -12.37 1.05
N VAL A 163 11.22 -12.19 0.59
CA VAL A 163 11.55 -10.98 -0.16
C VAL A 163 10.79 -10.93 -1.51
N THR A 164 10.71 -12.06 -2.20
N THR A 164 10.70 -12.04 -2.24
CA THR A 164 10.03 -12.13 -3.48
CA THR A 164 10.01 -11.97 -3.53
C THR A 164 8.53 -11.85 -3.32
C THR A 164 8.48 -11.84 -3.36
N ASP A 165 7.92 -12.48 -2.32
CA ASP A 165 6.49 -12.33 -2.02
C ASP A 165 6.21 -10.83 -1.80
N TRP A 166 7.02 -10.16 -0.97
CA TRP A 166 6.81 -8.75 -0.73
C TRP A 166 7.06 -7.87 -1.96
N LEU A 167 8.15 -8.13 -2.67
CA LEU A 167 8.50 -7.31 -3.81
C LEU A 167 7.44 -7.39 -4.89
N THR A 168 7.00 -8.61 -5.23
CA THR A 168 6.01 -8.80 -6.26
C THR A 168 4.67 -8.18 -5.85
N THR A 169 4.34 -8.25 -4.56
CA THR A 169 3.08 -7.67 -4.08
C THR A 169 3.16 -6.14 -4.11
N ILE A 170 4.27 -5.57 -3.67
CA ILE A 170 4.42 -4.10 -3.71
C ILE A 170 4.45 -3.61 -5.15
N TYR A 171 5.14 -4.32 -6.03
CA TYR A 171 5.14 -3.98 -7.46
C TYR A 171 3.73 -3.99 -8.05
N LEU A 172 2.92 -4.97 -7.64
CA LEU A 172 1.53 -5.05 -8.10
C LEU A 172 0.77 -3.78 -7.66
N ILE A 173 0.89 -3.42 -6.38
CA ILE A 173 0.22 -2.23 -5.84
C ILE A 173 0.66 -0.98 -6.60
N ARG A 174 1.97 -0.82 -6.78
CA ARG A 174 2.50 0.31 -7.52
C ARG A 174 1.98 0.34 -8.94
N ASP A 175 1.96 -0.82 -9.61
CA ASP A 175 1.49 -0.91 -10.99
C ASP A 175 0.01 -0.53 -11.12
N LEU A 176 -0.84 -1.06 -10.23
CA LEU A 176 -2.27 -0.75 -10.30
C LEU A 176 -2.52 0.74 -10.10
N ILE A 177 -1.86 1.34 -9.11
CA ILE A 177 -2.03 2.77 -8.84
C ILE A 177 -1.49 3.62 -10.00
N ASN A 178 -0.31 3.26 -10.49
CA ASN A 178 0.30 3.98 -11.61
C ASN A 178 -0.46 3.89 -12.94
N THR A 179 -1.23 2.84 -13.16
CA THR A 179 -1.92 2.69 -14.44
C THR A 179 -2.96 3.79 -14.59
N PRO A 180 -2.88 4.53 -15.68
CA PRO A 180 -3.88 5.57 -15.92
C PRO A 180 -5.30 5.03 -15.80
N ALA A 181 -6.23 5.88 -15.34
CA ALA A 181 -7.60 5.44 -15.15
C ALA A 181 -8.24 4.86 -16.40
N GLU A 182 -7.92 5.41 -17.58
CA GLU A 182 -8.47 4.90 -18.82
C GLU A 182 -8.21 3.39 -19.00
N ASP A 183 -7.08 2.93 -18.50
CA ASP A 183 -6.67 1.52 -18.62
C ASP A 183 -6.80 0.75 -17.30
N MET A 184 -7.47 1.35 -16.34
CA MET A 184 -7.68 0.76 -15.02
C MET A 184 -9.02 1.22 -14.47
N GLY A 185 -10.07 0.80 -15.16
CA GLY A 185 -11.43 1.05 -14.71
C GLY A 185 -11.93 -0.12 -13.88
N PRO A 186 -13.22 -0.11 -13.54
CA PRO A 186 -13.76 -1.18 -12.69
C PRO A 186 -13.52 -2.60 -13.25
N SER A 187 -13.70 -2.77 -14.56
N SER A 187 -13.69 -2.76 -14.56
CA SER A 187 -13.50 -4.06 -15.22
CA SER A 187 -13.52 -4.05 -15.23
C SER A 187 -12.06 -4.52 -15.13
C SER A 187 -12.06 -4.52 -15.21
N GLU A 188 -11.12 -3.60 -15.36
CA GLU A 188 -9.70 -3.93 -15.29
C GLU A 188 -9.28 -4.28 -13.87
N LEU A 189 -9.87 -3.60 -12.91
CA LEU A 189 -9.59 -3.87 -11.50
C LEU A 189 -10.13 -5.27 -11.16
N ALA A 190 -11.35 -5.57 -11.61
CA ALA A 190 -11.90 -6.90 -11.42
C ALA A 190 -11.01 -7.98 -12.04
N GLN A 191 -10.50 -7.71 -13.27
CA GLN A 191 -9.61 -8.64 -13.93
C GLN A 191 -8.31 -8.87 -13.13
N ALA A 192 -7.77 -7.80 -12.56
CA ALA A 192 -6.55 -7.92 -11.77
C ALA A 192 -6.80 -8.84 -10.56
N VAL A 193 -7.95 -8.67 -9.92
CA VAL A 193 -8.31 -9.52 -8.77
C VAL A 193 -8.43 -10.98 -9.22
N LYS A 194 -9.09 -11.23 -10.35
N LYS A 194 -9.09 -11.21 -10.35
CA LYS A 194 -9.20 -12.61 -10.83
CA LYS A 194 -9.25 -12.56 -10.88
C LYS A 194 -7.85 -13.20 -11.19
C LYS A 194 -7.89 -13.18 -11.22
N HIS A 195 -6.94 -12.37 -11.68
N HIS A 195 -6.95 -12.39 -11.74
CA HIS A 195 -5.59 -12.86 -12.01
CA HIS A 195 -5.62 -12.92 -12.00
C HIS A 195 -4.89 -13.33 -10.73
C HIS A 195 -4.92 -13.36 -10.72
N VAL A 196 -4.98 -12.53 -9.68
CA VAL A 196 -4.38 -12.91 -8.39
C VAL A 196 -5.06 -14.16 -7.81
N ALA A 197 -6.38 -14.23 -7.90
CA ALA A 197 -7.14 -15.37 -7.38
C ALA A 197 -6.75 -16.70 -8.03
N LYS A 198 -6.51 -16.71 -9.34
N LYS A 198 -6.46 -16.67 -9.33
CA LYS A 198 -6.18 -17.96 -10.05
CA LYS A 198 -6.08 -17.86 -10.09
C LYS A 198 -4.95 -18.65 -9.48
C LYS A 198 -4.77 -18.46 -9.58
N GLU A 199 -3.92 -17.87 -9.13
N GLU A 199 -3.93 -17.64 -8.95
CA GLU A 199 -2.71 -18.46 -8.57
CA GLU A 199 -2.66 -18.13 -8.43
C GLU A 199 -2.97 -19.29 -7.32
C GLU A 199 -2.87 -19.08 -7.25
N PHE A 200 -3.99 -18.92 -6.54
CA PHE A 200 -4.31 -19.65 -5.29
C PHE A 200 -5.62 -20.39 -5.28
N GLU A 201 -6.24 -20.48 -6.45
N GLU A 201 -6.27 -20.49 -6.43
CA GLU A 201 -7.57 -21.05 -6.62
CA GLU A 201 -7.58 -21.15 -6.52
C GLU A 201 -8.59 -20.46 -5.62
C GLU A 201 -8.63 -20.46 -5.64
N ALA A 202 -8.51 -19.15 -5.43
CA ALA A 202 -9.49 -18.40 -4.62
C ALA A 202 -10.70 -18.24 -5.53
N LYS A 203 -11.89 -18.02 -4.95
CA LYS A 203 -13.12 -17.85 -5.72
C LYS A 203 -13.42 -16.35 -5.80
N VAL A 204 -13.92 -15.90 -6.95
CA VAL A 204 -14.27 -14.51 -7.14
C VAL A 204 -15.66 -14.39 -7.75
N LYS A 205 -16.46 -13.52 -7.15
CA LYS A 205 -17.79 -13.20 -7.59
C LYS A 205 -17.76 -11.70 -7.94
N ILE A 206 -18.35 -11.33 -9.07
CA ILE A 206 -18.47 -9.93 -9.48
C ILE A 206 -19.95 -9.59 -9.50
N ILE A 207 -20.32 -8.60 -8.69
N ILE A 207 -20.37 -8.59 -8.73
CA ILE A 207 -21.69 -8.13 -8.59
CA ILE A 207 -21.79 -8.20 -8.74
C ILE A 207 -21.77 -6.88 -9.47
C ILE A 207 -21.92 -6.93 -9.60
N GLU A 208 -22.61 -6.94 -10.52
N GLU A 208 -22.76 -6.93 -10.62
CA GLU A 208 -22.77 -5.86 -11.52
CA GLU A 208 -22.82 -5.74 -11.44
C GLU A 208 -24.22 -5.45 -11.82
C GLU A 208 -24.21 -5.52 -11.94
N SER A 209 -24.35 -4.43 -12.67
CA SER A 209 -25.63 -4.04 -13.24
C SER A 209 -26.84 -4.10 -12.34
N LYS A 210 -27.88 -4.84 -12.73
CA LYS A 210 -29.12 -4.86 -11.95
C LYS A 210 -29.02 -5.44 -10.58
N ASP A 211 -28.20 -6.45 -10.37
CA ASP A 211 -28.11 -7.01 -9.04
C ASP A 211 -27.41 -5.99 -8.13
N LEU A 212 -26.43 -5.27 -8.66
CA LEU A 212 -25.73 -4.26 -7.89
C LEU A 212 -26.72 -3.12 -7.52
N GLU A 213 -27.47 -2.70 -8.51
CA GLU A 213 -28.44 -1.62 -8.33
C GLU A 213 -29.41 -1.95 -7.18
N THR A 214 -29.83 -3.21 -7.11
CA THR A 214 -30.75 -3.64 -6.05
C THR A 214 -30.12 -3.94 -4.71
N GLU A 215 -29.01 -4.67 -4.72
CA GLU A 215 -28.39 -5.15 -3.51
C GLU A 215 -27.36 -4.20 -2.87
N PHE A 216 -26.69 -3.40 -3.68
CA PHE A 216 -25.67 -2.44 -3.24
C PHE A 216 -25.98 -1.07 -3.84
N PRO A 217 -27.14 -0.49 -3.47
CA PRO A 217 -27.55 0.78 -4.07
C PRO A 217 -26.59 1.96 -3.92
N ALA A 218 -25.79 1.98 -2.85
CA ALA A 218 -24.89 3.10 -2.63
C ALA A 218 -23.70 3.03 -3.57
N ILE A 219 -23.22 1.82 -3.85
CA ILE A 219 -22.13 1.64 -4.84
C ILE A 219 -22.65 2.09 -6.21
N TYR A 220 -23.87 1.66 -6.53
CA TYR A 220 -24.47 2.00 -7.80
C TYR A 220 -24.68 3.53 -7.97
N ALA A 221 -25.20 4.18 -6.94
CA ALA A 221 -25.49 5.63 -7.04
C ALA A 221 -24.22 6.44 -7.36
N VAL A 222 -23.12 6.11 -6.69
CA VAL A 222 -21.86 6.82 -6.92
C VAL A 222 -21.32 6.59 -8.32
N GLY A 223 -21.32 5.34 -8.77
CA GLY A 223 -20.74 5.03 -10.05
C GLY A 223 -21.60 5.06 -11.28
N ARG A 224 -22.88 5.40 -11.15
CA ARG A 224 -23.77 5.27 -12.30
C ARG A 224 -23.53 6.23 -13.45
N ALA A 225 -22.86 7.36 -13.20
CA ALA A 225 -22.60 8.36 -14.22
C ALA A 225 -21.43 8.02 -15.11
N GLY A 226 -20.58 7.08 -14.71
CA GLY A 226 -19.41 6.77 -15.53
C GLY A 226 -19.73 5.95 -16.78
N SER A 227 -18.91 6.09 -17.82
CA SER A 227 -19.13 5.31 -19.04
C SER A 227 -18.77 3.85 -18.77
N ARG A 228 -18.04 3.59 -17.70
CA ARG A 228 -17.66 2.24 -17.32
C ARG A 228 -18.44 1.92 -16.05
N PRO A 229 -19.36 0.97 -16.15
CA PRO A 229 -20.29 0.75 -15.03
C PRO A 229 -19.67 0.23 -13.75
N PRO A 230 -20.34 0.51 -12.61
CA PRO A 230 -19.84 0.11 -11.31
C PRO A 230 -20.04 -1.36 -11.03
N LEU A 231 -19.24 -1.88 -10.10
CA LEU A 231 -19.34 -3.28 -9.69
C LEU A 231 -18.76 -3.49 -8.31
N LEU A 232 -19.04 -4.66 -7.74
CA LEU A 232 -18.49 -5.06 -6.47
C LEU A 232 -17.75 -6.37 -6.70
N ILE A 233 -16.48 -6.39 -6.32
CA ILE A 233 -15.62 -7.59 -6.40
C ILE A 233 -15.64 -8.25 -5.02
N ASP A 234 -15.87 -9.57 -4.98
CA ASP A 234 -15.97 -10.35 -3.72
C ASP A 234 -15.17 -11.63 -3.88
N LEU A 235 -13.99 -11.67 -3.29
CA LEU A 235 -13.10 -12.83 -3.33
C LEU A 235 -13.08 -13.57 -2.01
N LYS A 236 -13.03 -14.90 -2.07
CA LYS A 236 -12.93 -15.73 -0.87
C LYS A 236 -11.86 -16.80 -1.04
N TRP A 237 -11.18 -17.10 0.06
CA TRP A 237 -10.13 -18.12 0.09
C TRP A 237 -9.96 -18.66 1.49
N GLY A 238 -9.55 -19.92 1.57
CA GLY A 238 -9.22 -20.49 2.86
C GLY A 238 -10.21 -21.46 3.45
N ASP A 239 -9.78 -22.09 4.53
CA ASP A 239 -10.58 -23.08 5.25
C ASP A 239 -11.80 -22.41 5.85
N ILE A 240 -12.98 -22.96 5.55
CA ILE A 240 -14.23 -22.39 6.06
C ILE A 240 -14.35 -22.45 7.60
N LYS A 241 -13.52 -23.28 8.22
CA LYS A 241 -13.53 -23.41 9.69
C LYS A 241 -12.61 -22.39 10.38
N ALA A 242 -11.76 -21.70 9.61
CA ALA A 242 -10.79 -20.76 10.18
C ALA A 242 -11.41 -19.39 10.51
N PRO A 243 -10.73 -18.60 11.36
CA PRO A 243 -11.28 -17.27 11.70
C PRO A 243 -11.43 -16.43 10.47
N LYS A 244 -12.54 -15.69 10.40
CA LYS A 244 -12.80 -14.85 9.26
C LYS A 244 -12.11 -13.49 9.35
N VAL A 245 -11.27 -13.21 8.38
CA VAL A 245 -10.59 -11.91 8.25
C VAL A 245 -11.10 -11.36 6.93
N THR A 246 -11.76 -10.19 6.98
CA THR A 246 -12.34 -9.58 5.80
C THR A 246 -11.67 -8.24 5.53
N LEU A 247 -11.17 -8.09 4.30
CA LEU A 247 -10.49 -6.90 3.84
C LEU A 247 -11.40 -6.16 2.87
N VAL A 248 -11.46 -4.84 3.04
CA VAL A 248 -12.28 -3.98 2.22
C VAL A 248 -11.41 -2.86 1.65
N GLY A 249 -11.53 -2.61 0.35
CA GLY A 249 -10.74 -1.55 -0.27
C GLY A 249 -11.51 -0.65 -1.23
N LYS A 250 -11.31 0.66 -1.08
CA LYS A 250 -11.96 1.66 -1.91
C LYS A 250 -11.38 1.64 -3.33
N GLY A 251 -12.22 1.26 -4.30
CA GLY A 251 -11.83 1.15 -5.69
C GLY A 251 -12.38 2.25 -6.57
N VAL A 252 -12.15 3.51 -6.21
CA VAL A 252 -12.63 4.62 -7.07
C VAL A 252 -11.55 4.82 -8.13
N CYS A 253 -11.78 4.22 -9.30
CA CYS A 253 -10.80 4.19 -10.39
C CYS A 253 -10.40 5.56 -10.90
N PHE A 254 -11.34 6.49 -10.86
CA PHE A 254 -11.08 7.89 -11.14
C PHE A 254 -12.11 8.71 -10.38
N ASP A 255 -11.63 9.77 -9.73
CA ASP A 255 -12.50 10.67 -8.99
C ASP A 255 -12.44 12.09 -9.55
N SER A 256 -13.48 12.50 -10.27
CA SER A 256 -13.57 13.86 -10.76
C SER A 256 -14.13 14.78 -9.69
N GLY A 257 -14.68 14.17 -8.64
CA GLY A 257 -15.39 14.87 -7.60
C GLY A 257 -16.88 14.82 -7.81
N GLY A 258 -17.31 14.48 -9.04
CA GLY A 258 -18.73 14.48 -9.37
C GLY A 258 -19.17 15.93 -9.56
N LEU A 259 -20.48 16.20 -9.39
CA LEU A 259 -20.98 17.57 -9.59
C LEU A 259 -20.25 18.61 -8.73
N ASP A 260 -19.79 18.19 -7.54
CA ASP A 260 -18.94 19.03 -6.66
C ASP A 260 -17.51 18.78 -7.19
N ILE A 261 -17.28 19.30 -8.39
CA ILE A 261 -16.07 19.02 -9.14
C ILE A 261 -14.81 19.51 -8.48
N LYS A 262 -13.76 18.69 -8.57
CA LYS A 262 -12.47 19.06 -8.02
C LYS A 262 -11.80 20.18 -8.85
N THR A 263 -10.85 20.86 -8.22
CA THR A 263 -9.99 21.80 -8.91
C THR A 263 -9.00 20.97 -9.77
N PRO A 264 -8.36 21.59 -10.78
CA PRO A 264 -7.40 20.77 -11.59
C PRO A 264 -6.27 20.18 -10.76
N GLY A 265 -5.71 20.97 -9.86
CA GLY A 265 -4.66 20.45 -8.99
C GLY A 265 -5.19 19.28 -8.17
N GLY A 266 -6.44 19.39 -7.72
CA GLY A 266 -7.03 18.30 -6.94
C GLY A 266 -7.33 17.03 -7.74
N MET A 267 -7.56 17.17 -9.04
CA MET A 267 -7.94 16.02 -9.85
C MET A 267 -6.73 15.33 -10.51
N LEU A 268 -5.59 16.00 -10.53
CA LEU A 268 -4.44 15.51 -11.27
C LEU A 268 -3.99 14.10 -10.91
N LEU A 269 -4.00 13.75 -9.62
CA LEU A 269 -3.52 12.41 -9.21
C LEU A 269 -4.64 11.41 -8.98
N MET A 270 -5.86 11.74 -9.41
CA MET A 270 -7.01 10.93 -9.05
C MET A 270 -7.13 9.52 -9.63
N LYS A 271 -6.23 9.15 -10.53
CA LYS A 271 -6.13 7.74 -10.95
C LYS A 271 -5.77 6.93 -9.69
N LYS A 272 -5.24 7.58 -8.64
CA LYS A 272 -4.84 6.84 -7.43
C LYS A 272 -5.94 6.63 -6.44
N ASP A 273 -7.15 7.09 -6.74
CA ASP A 273 -8.23 6.95 -5.75
C ASP A 273 -8.77 5.50 -5.58
N MET A 274 -8.12 4.57 -6.28
CA MET A 274 -8.37 3.14 -6.12
C MET A 274 -7.21 2.49 -5.33
N GLY A 275 -6.36 3.32 -4.72
CA GLY A 275 -5.22 2.83 -3.94
C GLY A 275 -5.62 1.92 -2.79
N GLY A 276 -6.78 2.16 -2.20
CA GLY A 276 -7.23 1.33 -1.10
C GLY A 276 -7.53 -0.07 -1.58
N ALA A 277 -8.13 -0.17 -2.78
CA ALA A 277 -8.43 -1.45 -3.39
C ALA A 277 -7.11 -2.18 -3.68
N ALA A 278 -6.14 -1.44 -4.22
CA ALA A 278 -4.83 -2.07 -4.52
C ALA A 278 -4.19 -2.63 -3.24
N HIS A 279 -4.26 -1.85 -2.17
CA HIS A 279 -3.73 -2.28 -0.86
C HIS A 279 -4.44 -3.51 -0.33
N ALA A 280 -5.77 -3.49 -0.38
CA ALA A 280 -6.55 -4.63 0.11
C ALA A 280 -6.22 -5.88 -0.72
N LEU A 281 -6.11 -5.72 -2.05
CA LEU A 281 -5.73 -6.84 -2.91
C LEU A 281 -4.32 -7.33 -2.59
N GLY A 282 -3.39 -6.40 -2.36
CA GLY A 282 -2.00 -6.79 -2.05
C GLY A 282 -1.89 -7.53 -0.73
N LEU A 283 -2.61 -7.05 0.27
CA LEU A 283 -2.63 -7.72 1.58
C LEU A 283 -3.25 -9.14 1.42
N ALA A 284 -4.35 -9.24 0.68
CA ALA A 284 -4.96 -10.54 0.38
C ALA A 284 -3.92 -11.48 -0.25
N ARG A 285 -3.19 -10.97 -1.24
CA ARG A 285 -2.16 -11.75 -1.90
C ARG A 285 -1.09 -12.28 -0.93
N MET A 286 -0.63 -11.44 0.00
CA MET A 286 0.36 -11.89 0.99
C MET A 286 -0.21 -12.98 1.91
N ILE A 287 -1.46 -12.81 2.31
CA ILE A 287 -2.13 -13.79 3.15
C ILE A 287 -2.16 -15.16 2.45
N MET A 288 -2.46 -15.14 1.15
CA MET A 288 -2.54 -16.39 0.36
C MET A 288 -1.16 -16.98 0.05
N LEU A 289 -0.20 -16.12 -0.27
CA LEU A 289 1.18 -16.56 -0.53
C LEU A 289 1.80 -17.24 0.68
N GLN A 290 1.51 -16.70 1.85
CA GLN A 290 2.06 -17.20 3.11
C GLN A 290 1.14 -18.20 3.82
N GLN A 291 0.03 -18.52 3.17
CA GLN A 291 -0.94 -19.47 3.68
C GLN A 291 -1.33 -19.24 5.13
N LEU A 292 -1.69 -18.02 5.48
N LEU A 292 -1.67 -18.01 5.50
CA LEU A 292 -2.12 -17.70 6.82
CA LEU A 292 -2.10 -17.76 6.86
C LEU A 292 -3.41 -18.51 7.09
C LEU A 292 -3.39 -18.54 7.10
N PRO A 293 -3.55 -19.11 8.29
CA PRO A 293 -4.72 -19.95 8.62
C PRO A 293 -5.96 -19.14 9.00
N VAL A 294 -6.51 -18.47 7.98
CA VAL A 294 -7.70 -17.68 8.11
C VAL A 294 -8.64 -17.96 6.95
N ARG A 295 -9.89 -17.55 7.12
CA ARG A 295 -10.90 -17.58 6.06
C ARG A 295 -10.91 -16.14 5.56
N LEU A 296 -10.28 -15.93 4.40
CA LEU A 296 -10.12 -14.61 3.83
C LEU A 296 -11.26 -14.22 2.91
N ARG A 297 -11.70 -12.98 3.04
CA ARG A 297 -12.67 -12.42 2.12
C ARG A 297 -12.14 -11.03 1.77
N LEU A 298 -12.22 -10.67 0.50
CA LEU A 298 -11.81 -9.36 -0.01
C LEU A 298 -12.98 -8.75 -0.77
N LEU A 299 -13.41 -7.55 -0.33
CA LEU A 299 -14.50 -6.82 -0.92
C LEU A 299 -14.00 -5.50 -1.45
N ILE A 300 -14.19 -5.28 -2.76
CA ILE A 300 -13.78 -4.03 -3.40
C ILE A 300 -14.91 -3.42 -4.25
N PRO A 301 -15.49 -2.30 -3.76
CA PRO A 301 -16.42 -1.55 -4.60
C PRO A 301 -15.57 -0.87 -5.67
N ALA A 302 -15.90 -1.08 -6.93
CA ALA A 302 -15.11 -0.54 -8.05
C ALA A 302 -16.00 0.35 -8.91
N VAL A 303 -15.70 1.63 -8.89
CA VAL A 303 -16.50 2.61 -9.61
C VAL A 303 -15.68 3.79 -10.12
N GLU A 304 -16.28 4.60 -10.99
N GLU A 304 -16.27 4.64 -10.95
CA GLU A 304 -15.69 5.89 -11.37
CA GLU A 304 -15.62 5.89 -11.31
C GLU A 304 -16.68 6.92 -10.83
C GLU A 304 -16.63 6.97 -10.95
N ASN A 305 -16.17 8.00 -10.23
CA ASN A 305 -17.02 9.09 -9.76
C ASN A 305 -16.96 10.12 -10.86
N ALA A 306 -17.93 10.07 -11.76
CA ALA A 306 -17.91 10.90 -12.94
C ALA A 306 -18.91 12.02 -12.97
N ILE A 307 -18.68 12.92 -13.92
N ILE A 307 -18.68 12.96 -13.89
CA ILE A 307 -19.55 14.06 -14.19
CA ILE A 307 -19.59 14.09 -14.05
C ILE A 307 -20.23 13.78 -15.49
C ILE A 307 -20.22 13.95 -15.44
N GLY A 308 -21.55 13.79 -15.47
CA GLY A 308 -22.29 13.57 -16.69
C GLY A 308 -23.79 13.62 -16.42
N SER A 309 -24.57 13.31 -17.44
CA SER A 309 -26.03 13.41 -17.35
C SER A 309 -26.64 12.62 -16.19
N ARG A 310 -26.03 11.50 -15.82
CA ARG A 310 -26.57 10.64 -14.74
C ARG A 310 -25.97 10.86 -13.34
N SER A 311 -25.12 11.87 -13.18
CA SER A 311 -24.47 12.11 -11.89
C SER A 311 -25.43 12.26 -10.69
N TYR A 312 -25.11 11.56 -9.60
CA TYR A 312 -25.83 11.72 -8.34
C TYR A 312 -25.55 13.17 -7.86
N ARG A 313 -26.49 13.75 -7.14
CA ARG A 313 -26.47 15.16 -6.86
C ARG A 313 -26.47 15.55 -5.40
N PRO A 314 -26.00 16.77 -5.13
CA PRO A 314 -26.12 17.32 -3.77
C PRO A 314 -27.59 17.33 -3.42
N GLY A 315 -27.92 16.85 -2.23
CA GLY A 315 -29.30 16.80 -1.79
C GLY A 315 -29.96 15.46 -2.09
N ASP A 316 -29.37 14.66 -2.99
CA ASP A 316 -29.97 13.34 -3.25
C ASP A 316 -29.83 12.46 -2.01
N VAL A 317 -30.79 11.57 -1.81
CA VAL A 317 -30.75 10.61 -0.70
C VAL A 317 -30.52 9.24 -1.31
N VAL A 318 -29.43 8.60 -0.89
CA VAL A 318 -28.99 7.32 -1.39
C VAL A 318 -29.36 6.26 -0.39
N GLN A 319 -29.97 5.18 -0.88
CA GLN A 319 -30.33 4.05 -0.04
C GLN A 319 -29.06 3.22 0.14
N THR A 320 -29.02 2.42 1.20
CA THR A 320 -27.84 1.58 1.46
C THR A 320 -28.24 0.13 1.73
N ARG A 321 -27.26 -0.76 1.60
CA ARG A 321 -27.48 -2.16 1.88
C ARG A 321 -27.87 -2.36 3.36
N ALA A 322 -27.40 -1.48 4.24
CA ALA A 322 -27.72 -1.53 5.66
C ALA A 322 -29.12 -0.99 5.98
N ARG A 323 -29.79 -0.47 4.95
N ARG A 323 -29.81 -0.46 4.98
CA ARG A 323 -31.13 0.12 5.06
CA ARG A 323 -31.16 0.14 5.11
C ARG A 323 -31.13 1.46 5.83
C ARG A 323 -31.16 1.52 5.75
N LYS A 324 -30.00 2.17 5.79
CA LYS A 324 -29.89 3.52 6.35
C LYS A 324 -29.98 4.44 5.14
N THR A 325 -30.44 5.66 5.33
CA THR A 325 -30.50 6.62 4.21
C THR A 325 -29.37 7.65 4.39
N ILE A 326 -28.70 8.00 3.29
CA ILE A 326 -27.62 8.98 3.32
C ILE A 326 -27.97 10.18 2.44
N GLU A 327 -27.96 11.36 3.03
CA GLU A 327 -28.17 12.58 2.29
C GLU A 327 -26.80 13.01 1.78
N ILE A 328 -26.67 13.17 0.47
CA ILE A 328 -25.41 13.58 -0.12
C ILE A 328 -25.24 15.08 -0.01
N THR A 329 -24.27 15.49 0.80
CA THR A 329 -23.94 16.90 0.99
C THR A 329 -22.63 17.27 0.27
N ASN A 330 -21.93 16.29 -0.26
CA ASN A 330 -20.69 16.50 -1.01
C ASN A 330 -20.52 15.30 -1.92
N THR A 331 -20.65 15.49 -3.23
CA THR A 331 -20.52 14.34 -4.13
C THR A 331 -19.07 13.80 -4.19
N ASP A 332 -18.13 14.60 -3.69
CA ASP A 332 -16.71 14.26 -3.68
C ASP A 332 -16.33 13.48 -2.38
N ALA A 333 -17.28 13.23 -1.49
CA ALA A 333 -17.04 12.35 -0.31
C ALA A 333 -17.71 11.02 -0.67
N GLU A 334 -17.37 10.50 -1.84
CA GLU A 334 -18.02 9.28 -2.40
C GLU A 334 -17.43 7.97 -1.90
N GLY A 335 -16.16 8.01 -1.52
CA GLY A 335 -15.46 6.79 -1.09
C GLY A 335 -16.12 6.12 0.09
N ARG A 336 -16.46 6.93 1.07
CA ARG A 336 -17.12 6.41 2.29
C ARG A 336 -18.50 5.85 1.96
N VAL A 337 -19.17 6.46 0.96
CA VAL A 337 -20.52 6.00 0.53
C VAL A 337 -20.45 4.58 -0.07
N VAL A 338 -19.47 4.34 -0.96
CA VAL A 338 -19.36 3.01 -1.57
C VAL A 338 -18.84 2.01 -0.54
N LEU A 339 -17.94 2.44 0.34
CA LEU A 339 -17.42 1.56 1.40
C LEU A 339 -18.53 1.13 2.37
N ALA A 340 -19.50 2.00 2.63
CA ALA A 340 -20.61 1.68 3.53
C ALA A 340 -21.34 0.41 3.13
N ASP A 341 -21.58 0.24 1.83
CA ASP A 341 -22.22 -0.98 1.35
C ASP A 341 -21.32 -2.21 1.48
N ALA A 342 -20.04 -2.06 1.21
CA ALA A 342 -19.11 -3.18 1.33
C ALA A 342 -19.02 -3.59 2.79
N LEU A 343 -18.95 -2.60 3.68
CA LEU A 343 -18.90 -2.88 5.12
C LEU A 343 -20.17 -3.55 5.65
N ALA A 344 -21.34 -3.09 5.19
CA ALA A 344 -22.61 -3.67 5.58
C ALA A 344 -22.65 -5.15 5.18
N GLU A 345 -22.06 -5.46 4.03
CA GLU A 345 -21.96 -6.85 3.59
C GLU A 345 -20.99 -7.65 4.45
N ALA A 346 -19.82 -7.08 4.74
CA ALA A 346 -18.80 -7.74 5.54
C ALA A 346 -19.32 -8.11 6.94
N VAL A 347 -20.07 -7.21 7.56
CA VAL A 347 -20.54 -7.44 8.94
C VAL A 347 -21.57 -8.57 9.09
N LYS A 348 -22.31 -8.87 8.02
CA LYS A 348 -23.33 -9.93 8.06
C LYS A 348 -22.78 -11.29 8.49
N GLU A 349 -21.51 -11.55 8.22
CA GLU A 349 -20.87 -12.82 8.59
C GLU A 349 -20.29 -12.84 10.00
N ASP A 350 -20.39 -11.74 10.74
CA ASP A 350 -19.81 -11.63 12.09
C ASP A 350 -18.33 -12.10 12.06
N PRO A 351 -17.52 -11.47 11.20
CA PRO A 351 -16.13 -11.88 11.06
C PRO A 351 -15.30 -11.57 12.29
N ASP A 352 -14.15 -12.24 12.40
CA ASP A 352 -13.25 -12.02 13.54
C ASP A 352 -12.58 -10.64 13.45
N LEU A 353 -12.40 -10.15 12.22
CA LEU A 353 -11.74 -8.87 11.95
C LEU A 353 -12.11 -8.32 10.60
N ILE A 354 -12.29 -7.01 10.52
CA ILE A 354 -12.51 -6.29 9.26
C ILE A 354 -11.42 -5.22 9.19
N ILE A 355 -10.74 -5.12 8.04
CA ILE A 355 -9.76 -4.05 7.85
C ILE A 355 -10.08 -3.40 6.52
N ASP A 356 -10.27 -2.09 6.54
CA ASP A 356 -10.49 -1.34 5.30
C ASP A 356 -9.34 -0.37 5.00
N PHE A 357 -9.13 -0.16 3.71
CA PHE A 357 -8.09 0.74 3.21
C PHE A 357 -8.78 1.73 2.28
N SER A 358 -8.56 2.99 2.53
CA SER A 358 -9.17 4.04 1.75
C SER A 358 -8.17 5.15 1.50
N THR A 359 -8.20 5.73 0.32
CA THR A 359 -7.30 6.86 0.02
C THR A 359 -7.92 8.18 0.41
N LEU A 360 -7.03 9.05 0.90
CA LEU A 360 -7.39 10.41 1.30
C LEU A 360 -7.50 11.31 0.09
N THR A 361 -8.46 12.23 0.11
CA THR A 361 -8.58 13.25 -0.97
C THR A 361 -8.79 14.65 -0.33
N GLY A 362 -8.08 15.65 -0.87
CA GLY A 362 -8.12 17.04 -0.38
C GLY A 362 -6.91 17.37 0.50
N ALA A 363 -6.14 18.39 0.12
CA ALA A 363 -4.92 18.81 0.87
C ALA A 363 -5.12 18.95 2.41
N ALA A 364 -6.27 19.53 2.79
CA ALA A 364 -6.60 19.75 4.20
C ALA A 364 -6.90 18.47 5.01
N ARG A 365 -7.32 17.39 4.33
CA ARG A 365 -7.66 16.16 5.04
C ARG A 365 -6.44 15.32 5.41
N ILE A 366 -5.31 15.66 4.78
CA ILE A 366 -4.04 14.97 5.02
C ILE A 366 -3.32 15.59 6.27
N ALA A 367 -4.04 15.44 7.39
CA ALA A 367 -3.62 15.85 8.74
C ALA A 367 -2.25 15.27 9.17
N LEU A 368 -1.95 14.07 8.73
CA LEU A 368 -0.69 13.39 9.10
C LEU A 368 0.34 13.45 7.96
N GLY A 369 0.05 14.26 6.97
CA GLY A 369 0.93 14.37 5.81
C GLY A 369 0.84 13.18 4.89
N PRO A 370 1.59 13.20 3.80
CA PRO A 370 1.50 12.10 2.83
C PRO A 370 2.15 10.77 3.19
N ASN A 371 3.08 10.76 4.13
CA ASN A 371 3.84 9.57 4.42
C ASN A 371 3.49 8.88 5.71
N LEU A 372 2.36 9.26 6.32
CA LEU A 372 1.96 8.66 7.60
C LEU A 372 0.49 8.25 7.57
N PRO A 373 0.21 6.98 7.27
CA PRO A 373 -1.18 6.51 7.24
C PRO A 373 -1.90 6.68 8.56
N ALA A 374 -3.16 7.09 8.48
CA ALA A 374 -4.01 7.23 9.64
C ALA A 374 -4.74 5.93 9.91
N LEU A 375 -4.74 5.54 11.17
CA LEU A 375 -5.44 4.35 11.64
C LEU A 375 -6.58 4.73 12.55
N PHE A 376 -7.75 4.20 12.27
CA PHE A 376 -8.89 4.30 13.16
C PHE A 376 -9.28 2.87 13.53
N ALA A 377 -9.69 2.65 14.78
CA ALA A 377 -10.13 1.34 15.17
C ALA A 377 -11.18 1.46 16.27
N ASN A 378 -12.21 0.62 16.17
CA ASN A 378 -13.32 0.62 17.12
C ASN A 378 -13.05 -0.13 18.41
N GLN A 379 -11.91 -0.82 18.47
CA GLN A 379 -11.50 -1.57 19.66
C GLN A 379 -10.06 -1.22 20.00
N ASP A 380 -9.83 -0.85 21.26
CA ASP A 380 -8.48 -0.42 21.66
C ASP A 380 -7.37 -1.47 21.52
N SER A 381 -7.68 -2.73 21.82
CA SER A 381 -6.66 -3.78 21.71
C SER A 381 -6.16 -3.92 20.29
N LEU A 382 -7.07 -3.85 19.33
CA LEU A 382 -6.70 -3.91 17.92
C LEU A 382 -5.80 -2.75 17.54
N ALA A 383 -6.21 -1.54 17.91
CA ALA A 383 -5.40 -0.36 17.59
C ALA A 383 -3.98 -0.46 18.18
N GLN A 384 -3.88 -0.84 19.46
N GLN A 384 -3.90 -0.83 19.46
CA GLN A 384 -2.59 -0.94 20.13
CA GLN A 384 -2.63 -0.95 20.16
C GLN A 384 -1.71 -2.01 19.48
C GLN A 384 -1.72 -2.02 19.53
N ALA A 385 -2.31 -3.13 19.08
CA ALA A 385 -1.56 -4.22 18.45
C ALA A 385 -1.00 -3.78 17.10
N LEU A 386 -1.78 -2.98 16.36
CA LEU A 386 -1.35 -2.47 15.05
C LEU A 386 -0.25 -1.42 15.24
N ILE A 387 -0.36 -0.61 16.30
CA ILE A 387 0.67 0.36 16.63
C ILE A 387 1.97 -0.38 16.95
N ASP A 388 1.89 -1.43 17.77
CA ASP A 388 3.07 -2.26 18.11
C ASP A 388 3.71 -2.85 16.84
N ALA A 389 2.86 -3.37 15.94
CA ALA A 389 3.32 -3.93 14.68
C ALA A 389 4.04 -2.87 13.82
N SER A 390 3.53 -1.65 13.85
CA SER A 390 4.13 -0.53 13.13
C SER A 390 5.57 -0.27 13.56
N LEU A 391 5.78 -0.31 14.86
CA LEU A 391 7.11 -0.09 15.45
C LEU A 391 8.06 -1.25 15.11
N LYS A 392 7.56 -2.48 15.23
CA LYS A 392 8.39 -3.66 14.92
C LYS A 392 8.85 -3.72 13.47
N THR A 393 7.98 -3.31 12.53
CA THR A 393 8.27 -3.33 11.12
C THR A 393 8.82 -2.03 10.53
N ASP A 394 8.85 -0.97 11.32
CA ASP A 394 9.22 0.36 10.82
C ASP A 394 8.38 0.71 9.58
N ASP A 395 7.07 0.44 9.66
CA ASP A 395 6.13 0.76 8.61
C ASP A 395 5.17 1.70 9.35
N PRO A 396 5.39 3.01 9.22
CA PRO A 396 4.66 3.95 10.07
C PRO A 396 3.16 4.08 9.89
N LEU A 397 2.50 4.30 11.03
CA LEU A 397 1.09 4.55 11.09
C LEU A 397 0.83 5.32 12.38
N TRP A 398 -0.31 6.01 12.44
CA TRP A 398 -0.64 6.79 13.61
C TRP A 398 -2.13 6.74 13.83
N ARG A 399 -2.54 6.53 15.08
CA ARG A 399 -3.96 6.43 15.38
C ARG A 399 -4.63 7.81 15.50
N LEU A 400 -5.81 7.92 14.87
CA LEU A 400 -6.68 9.09 14.99
C LEU A 400 -7.96 8.58 15.66
N PRO A 401 -8.71 9.48 16.30
CA PRO A 401 -9.86 9.03 17.09
C PRO A 401 -11.22 8.98 16.42
N LEU A 402 -12.04 8.01 16.85
CA LEU A 402 -13.45 7.95 16.45
C LEU A 402 -14.12 8.79 17.56
N PHE A 403 -13.95 10.13 17.46
CA PHE A 403 -14.42 11.08 18.47
C PHE A 403 -15.93 11.25 18.36
N GLN A 404 -16.64 10.60 19.27
CA GLN A 404 -18.09 10.48 19.18
C GLN A 404 -18.89 11.79 19.13
N PRO A 405 -18.45 12.86 19.83
CA PRO A 405 -19.21 14.12 19.73
C PRO A 405 -19.33 14.65 18.31
N TYR A 406 -18.38 14.32 17.44
CA TYR A 406 -18.44 14.80 16.07
C TYR A 406 -19.49 14.09 15.19
N ARG A 407 -20.15 13.05 15.71
CA ARG A 407 -21.24 12.42 14.96
C ARG A 407 -22.30 13.47 14.65
N ASN A 408 -22.41 14.50 15.51
CA ASN A 408 -23.36 15.59 15.28
C ASN A 408 -23.13 16.33 13.97
N TYR A 409 -21.88 16.33 13.48
N TYR A 409 -21.90 16.31 13.47
CA TYR A 409 -21.54 16.97 12.19
CA TYR A 409 -21.61 17.01 12.24
C TYR A 409 -22.17 16.28 11.00
C TYR A 409 -22.02 16.21 10.98
N LEU A 410 -22.60 15.02 11.20
CA LEU A 410 -23.19 14.20 10.15
C LEU A 410 -24.74 14.20 10.23
N LYS A 411 -25.28 15.11 11.03
CA LYS A 411 -26.75 15.20 11.20
C LYS A 411 -27.44 15.67 9.90
N SER A 412 -28.55 15.02 9.55
CA SER A 412 -29.36 15.38 8.38
C SER A 412 -30.77 15.71 8.83
N GLU A 413 -31.38 16.72 8.21
CA GLU A 413 -32.78 17.01 8.49
C GLU A 413 -33.70 16.07 7.67
N VAL A 414 -33.15 15.41 6.67
CA VAL A 414 -33.92 14.61 5.74
C VAL A 414 -33.69 13.09 5.86
N ALA A 415 -32.44 12.70 5.91
CA ALA A 415 -32.06 11.29 5.94
C ALA A 415 -31.51 10.88 7.29
N ASP A 416 -31.09 9.62 7.41
CA ASP A 416 -30.47 9.16 8.68
C ASP A 416 -29.17 9.89 9.01
N LEU A 417 -28.39 10.22 7.98
CA LEU A 417 -27.17 10.99 8.15
C LEU A 417 -26.71 11.57 6.82
N THR A 418 -25.80 12.51 6.88
CA THR A 418 -25.20 13.08 5.68
C THR A 418 -23.89 12.36 5.45
N ASN A 419 -23.31 12.54 4.26
CA ASN A 419 -22.00 11.94 4.02
C ASN A 419 -20.84 12.88 4.31
N SER A 420 -21.08 14.15 4.57
CA SER A 420 -19.97 15.05 4.87
C SER A 420 -20.38 16.06 5.90
N SER A 421 -19.38 16.64 6.54
CA SER A 421 -19.63 17.59 7.63
C SER A 421 -19.89 19.01 7.21
N GLN A 422 -20.40 19.74 8.19
CA GLN A 422 -20.80 21.12 8.04
C GLN A 422 -19.61 22.11 7.90
N ASN A 423 -18.43 21.68 8.31
CA ASN A 423 -17.25 22.53 8.31
C ASN A 423 -16.10 21.89 7.56
N ARG A 424 -14.98 22.62 7.47
CA ARG A 424 -13.77 22.14 6.80
C ARG A 424 -12.72 21.60 7.80
N MET A 425 -13.17 21.29 9.02
CA MET A 425 -12.29 20.76 10.07
C MET A 425 -12.62 19.30 10.33
N ALA A 426 -11.63 18.56 10.85
CA ALA A 426 -11.82 17.17 11.23
C ALA A 426 -12.24 16.25 10.09
N GLY A 427 -11.71 16.50 8.90
CA GLY A 427 -12.09 15.75 7.70
C GLY A 427 -11.96 14.25 7.81
N ALA A 428 -10.78 13.81 8.28
CA ALA A 428 -10.45 12.39 8.45
C ALA A 428 -11.32 11.75 9.48
N ILE A 429 -11.51 12.45 10.61
CA ILE A 429 -12.32 11.86 11.66
C ILE A 429 -13.72 11.69 11.13
N THR A 430 -14.20 12.71 10.41
CA THR A 430 -15.54 12.69 9.88
C THR A 430 -15.81 11.45 9.00
N ALA A 431 -14.90 11.12 8.08
CA ALA A 431 -15.08 9.96 7.20
C ALA A 431 -15.14 8.63 7.96
N ALA A 432 -14.24 8.50 8.92
CA ALA A 432 -14.16 7.32 9.75
C ALA A 432 -15.42 7.18 10.60
N LEU A 433 -15.92 8.28 11.14
CA LEU A 433 -17.16 8.23 11.96
C LEU A 433 -18.34 7.85 11.10
N PHE A 434 -18.33 8.30 9.85
CA PHE A 434 -19.38 7.94 8.92
C PHE A 434 -19.41 6.39 8.77
N LEU A 435 -18.27 5.81 8.45
CA LEU A 435 -18.15 4.38 8.26
C LEU A 435 -18.54 3.58 9.51
N GLN A 436 -18.25 4.13 10.70
CA GLN A 436 -18.57 3.46 11.93
C GLN A 436 -20.07 3.21 12.07
N HIS A 437 -20.89 4.02 11.42
CA HIS A 437 -22.36 3.80 11.48
C HIS A 437 -22.75 2.47 10.87
N PHE A 438 -21.85 1.88 10.07
CA PHE A 438 -22.12 0.61 9.35
C PHE A 438 -21.45 -0.61 9.96
N VAL A 439 -20.72 -0.40 11.04
CA VAL A 439 -20.00 -1.49 11.71
C VAL A 439 -20.23 -1.54 13.21
N SER A 440 -20.79 -2.65 13.69
CA SER A 440 -21.02 -2.86 15.10
C SER A 440 -19.73 -2.73 15.93
N ASP A 441 -19.84 -2.13 17.12
CA ASP A 441 -18.69 -2.05 18.04
C ASP A 441 -18.24 -3.44 18.46
N GLN A 442 -19.10 -4.46 18.28
CA GLN A 442 -18.76 -5.84 18.65
C GLN A 442 -17.89 -6.61 17.65
N ILE A 443 -17.67 -6.02 16.48
CA ILE A 443 -16.84 -6.61 15.45
C ILE A 443 -15.54 -5.80 15.38
N PRO A 444 -14.38 -6.44 15.66
CA PRO A 444 -13.11 -5.67 15.62
C PRO A 444 -12.89 -5.13 14.20
N TRP A 445 -12.72 -3.81 14.11
CA TRP A 445 -12.59 -3.13 12.81
C TRP A 445 -11.52 -2.04 12.82
N ALA A 446 -10.66 -2.07 11.80
CA ALA A 446 -9.61 -1.08 11.62
C ALA A 446 -9.81 -0.45 10.24
N HIS A 447 -9.71 0.86 10.19
CA HIS A 447 -9.84 1.64 8.95
C HIS A 447 -8.57 2.44 8.76
N PHE A 448 -7.97 2.29 7.58
CA PHE A 448 -6.76 2.98 7.23
C PHE A 448 -7.03 4.02 6.15
N ASP A 449 -6.64 5.27 6.43
N ASP A 449 -6.57 5.24 6.41
CA ASP A 449 -6.69 6.34 5.45
CA ASP A 449 -6.72 6.38 5.50
C ASP A 449 -5.25 6.49 5.00
C ASP A 449 -5.29 6.66 4.98
N ILE A 450 -5.03 6.29 3.71
CA ILE A 450 -3.67 6.35 3.16
C ILE A 450 -3.55 7.29 1.95
N PHE A 451 -2.36 7.80 1.70
CA PHE A 451 -2.17 8.68 0.54
C PHE A 451 -1.81 7.85 -0.72
N ALA A 452 -1.08 6.75 -0.53
CA ALA A 452 -0.75 5.77 -1.59
C ALA A 452 0.04 6.34 -2.74
N TRP A 453 0.91 7.32 -2.48
CA TRP A 453 1.67 7.98 -3.52
C TRP A 453 2.93 8.65 -2.98
N ASN A 454 4.00 8.59 -3.76
CA ASN A 454 5.23 9.29 -3.47
C ASN A 454 5.25 10.56 -4.34
N LEU A 455 5.19 11.72 -3.68
CA LEU A 455 5.25 12.99 -4.41
C LEU A 455 6.67 13.31 -4.89
N GLU A 456 7.66 12.80 -4.18
CA GLU A 456 9.06 13.07 -4.50
C GLU A 456 9.82 11.76 -4.66
N ASP A 457 10.91 11.81 -5.43
N ASP A 457 10.89 11.80 -5.46
CA ASP A 457 11.77 10.65 -5.67
CA ASP A 457 11.76 10.65 -5.62
C ASP A 457 12.73 10.46 -4.48
C ASP A 457 12.61 10.56 -4.36
N LEU A 458 12.50 9.47 -3.65
CA LEU A 458 13.32 9.23 -2.47
C LEU A 458 13.92 7.82 -2.62
N PRO A 459 15.00 7.52 -1.90
CA PRO A 459 15.60 6.18 -2.03
C PRO A 459 14.61 5.06 -1.78
N GLY A 460 14.46 4.21 -2.79
CA GLY A 460 13.59 3.07 -2.74
C GLY A 460 12.15 3.39 -3.04
N ARG A 461 11.85 4.67 -3.27
CA ARG A 461 10.46 5.18 -3.41
C ARG A 461 10.29 6.14 -4.60
N PRO A 462 10.12 5.59 -5.79
CA PRO A 462 9.99 6.38 -7.00
C PRO A 462 8.68 7.15 -7.02
N ILE A 463 8.67 8.29 -7.68
CA ILE A 463 7.44 9.10 -7.80
C ILE A 463 6.34 8.26 -8.41
N GLY A 464 5.17 8.31 -7.81
CA GLY A 464 4.00 7.55 -8.27
C GLY A 464 3.41 6.72 -7.17
N GLY A 465 2.66 5.69 -7.54
CA GLY A 465 1.96 4.84 -6.56
C GLY A 465 2.88 4.19 -5.56
N GLU A 466 2.37 3.98 -4.37
CA GLU A 466 3.16 3.38 -3.34
C GLU A 466 2.33 2.61 -2.35
N ALA A 467 2.95 1.55 -1.80
CA ALA A 467 2.35 0.73 -0.76
C ALA A 467 2.78 1.24 0.62
N MET A 468 1.84 1.29 1.53
N MET A 468 1.78 1.45 1.49
CA MET A 468 2.12 1.70 2.88
CA MET A 468 1.95 1.98 2.85
C MET A 468 1.20 0.94 3.81
C MET A 468 1.07 1.19 3.86
N ALA A 469 1.59 0.93 5.07
CA ALA A 469 0.84 0.25 6.15
C ALA A 469 0.77 -1.28 6.11
N LEU A 470 0.96 -1.88 4.93
CA LEU A 470 0.82 -3.33 4.77
C LEU A 470 1.73 -4.22 5.53
N ARG A 471 3.01 -3.84 5.63
N ARG A 471 3.00 -3.84 5.64
CA ARG A 471 3.94 -4.67 6.39
CA ARG A 471 3.95 -4.65 6.38
C ARG A 471 3.50 -4.71 7.84
C ARG A 471 3.56 -4.69 7.86
N ALA A 472 3.05 -3.57 8.38
CA ALA A 472 2.59 -3.51 9.78
C ALA A 472 1.38 -4.41 9.94
N VAL A 473 0.39 -4.23 9.06
CA VAL A 473 -0.84 -5.04 9.15
C VAL A 473 -0.53 -6.52 9.01
N PHE A 474 0.32 -6.90 8.04
CA PHE A 474 0.65 -8.29 7.86
C PHE A 474 1.35 -8.88 9.08
N HIS A 475 2.29 -8.13 9.66
CA HIS A 475 2.97 -8.57 10.88
C HIS A 475 1.93 -8.88 11.97
N TYR A 476 0.99 -7.96 12.17
CA TYR A 476 -0.09 -8.14 13.13
C TYR A 476 -0.86 -9.45 12.86
N LEU A 477 -1.24 -9.68 11.60
CA LEU A 477 -1.98 -10.89 11.23
C LEU A 477 -1.19 -12.17 11.51
N GLU A 478 0.10 -12.15 11.23
CA GLU A 478 0.93 -13.32 11.51
C GLU A 478 1.02 -13.59 13.00
N GLN A 479 1.18 -12.53 13.79
CA GLN A 479 1.24 -12.67 15.25
C GLN A 479 -0.08 -13.18 15.82
N GLN A 480 -1.18 -12.69 15.27
N GLN A 480 -1.20 -12.71 15.30
CA GLN A 480 -2.54 -13.00 15.76
CA GLN A 480 -2.49 -13.11 15.86
C GLN A 480 -3.08 -14.36 15.38
C GLN A 480 -3.01 -14.47 15.42
N TYR A 481 -2.82 -14.80 14.14
CA TYR A 481 -3.38 -16.03 13.60
C TYR A 481 -2.52 -17.28 13.46
N ARG A 482 -1.20 -17.16 13.57
CA ARG A 482 -0.34 -18.36 13.50
C ARG A 482 -0.41 -19.15 14.81
CL CL B . -4.77 3.73 -11.26
LI LI C . -12.53 9.84 -3.89
S SO4 D . -13.98 9.79 0.67
O1 SO4 D . -14.21 10.09 -0.74
O2 SO4 D . -15.30 9.48 1.24
O3 SO4 D . -13.04 8.67 0.70
O4 SO4 D . -13.40 10.96 1.37
S SO4 E . -23.28 11.97 -20.77
O1 SO4 E . -22.35 11.21 -21.60
O2 SO4 E . -23.99 11.05 -19.90
O3 SO4 E . -22.56 12.94 -19.98
O4 SO4 E . -24.24 12.66 -21.63
S SO4 F . -15.46 15.66 5.48
O1 SO4 F . -15.07 16.68 4.51
O2 SO4 F . -16.86 15.31 5.33
O3 SO4 F . -14.64 14.47 5.41
O4 SO4 F . -15.25 16.24 6.81
S SO4 G . -19.20 -18.89 1.92
O1 SO4 G . -18.80 -19.03 0.52
O2 SO4 G . -19.18 -20.21 2.56
O3 SO4 G . -18.27 -18.02 2.61
O4 SO4 G . -20.55 -18.36 2.01
S SO4 H . 8.66 -17.74 4.29
O1 SO4 H . 10.03 -18.12 3.93
O2 SO4 H . 7.77 -18.89 4.10
O3 SO4 H . 8.62 -17.37 5.70
O4 SO4 H . 8.22 -16.63 3.47
C1 EDO I . -26.09 12.03 13.21
O1 EDO I . -26.54 11.89 14.57
C2 EDO I . -25.17 10.88 12.83
O2 EDO I . -25.26 9.81 13.77
C1 EDO J . 19.58 4.30 -15.84
O1 EDO J . 18.33 3.90 -16.41
C2 EDO J . 20.56 3.13 -15.86
O2 EDO J . 19.94 1.98 -16.45
C1 EDO K . -31.33 -1.66 0.63
O1 EDO K . -32.44 -0.77 0.61
C2 EDO K . -31.66 -2.95 -0.09
O2 EDO K . -30.44 -3.66 -0.36
C1 PEG L . -2.39 -2.96 -15.77
O1 PEG L . -3.55 -3.69 -16.15
C2 PEG L . -2.02 -3.27 -14.33
O2 PEG L . -1.10 -4.36 -14.30
C3 PEG L . -0.99 -5.01 -13.03
C4 PEG L . -0.99 -6.51 -13.23
O4 PEG L . -2.32 -7.03 -13.00
C1 PGE M . -30.69 0.19 9.79
O1 PGE M . -30.39 -0.33 11.07
C2 PGE M . -31.67 1.33 9.94
O2 PGE M . -31.06 2.34 10.72
C3 PGE M . -31.73 3.59 10.59
C4 PGE M . -31.13 4.58 11.57
O4 PGE M . -27.07 5.08 12.29
C6 PGE M . -27.81 6.16 11.74
C5 PGE M . -29.29 5.97 12.00
O3 PGE M . -29.81 4.93 11.17
C1 PGE N . -9.05 -8.24 18.71
O1 PGE N . -9.40 -8.32 20.09
C2 PGE N . -7.61 -7.81 18.47
O2 PGE N . -6.85 -7.75 19.67
C3 PGE N . -5.46 -7.94 19.44
C4 PGE N . -4.68 -7.75 20.73
O4 PGE N . -4.36 -11.13 22.71
C6 PGE N . -3.28 -10.26 23.06
C5 PGE N . -3.58 -8.87 22.49
O3 PGE N . -4.35 -9.01 21.30
O1 PG4 O . -15.50 -22.39 -1.11
C1 PG4 O . -14.08 -22.35 -1.05
C2 PG4 O . -13.55 -20.99 -1.51
O2 PG4 O . -12.15 -20.86 -1.25
C3 PG4 O . -11.34 -21.38 -2.29
C4 PG4 O . -9.86 -21.37 -1.91
O3 PG4 O . -9.61 -21.94 -0.62
C5 PG4 O . -8.26 -22.37 -0.46
C6 PG4 O . -8.12 -23.26 0.76
O4 PG4 O . -6.78 -23.14 1.27
C7 PG4 O . -6.67 -23.39 2.69
C8 PG4 O . -6.32 -24.85 2.93
O5 PG4 O . -6.79 -25.26 4.23
O1 PG4 P . -24.15 -2.16 8.53
C1 PG4 P . -25.29 -1.34 8.81
C2 PG4 P . -25.73 -1.40 10.27
O2 PG4 P . -24.82 -0.69 11.10
C3 PG4 P . -25.28 -0.65 12.44
C4 PG4 P . -24.20 -1.18 13.39
O3 PG4 P . -23.95 -0.23 14.42
C5 PG4 P . -22.61 0.22 14.39
C6 PG4 P . -22.44 1.58 15.02
O4 PG4 P . -21.23 1.66 15.77
C7 PG4 P . -21.51 2.28 17.04
C8 PG4 P . -20.36 3.13 17.54
O5 PG4 P . -20.72 4.54 17.58
O1 PG4 Q . 10.65 9.56 16.80
C1 PG4 Q . 9.47 9.25 17.55
C2 PG4 Q . 8.28 9.97 16.92
O2 PG4 Q . 7.74 9.15 15.89
C3 PG4 Q . 6.43 9.51 15.50
C4 PG4 Q . 5.99 8.57 14.37
O3 PG4 Q . 5.77 7.24 14.84
C5 PG4 Q . 4.86 6.53 13.99
C6 PG4 Q . 5.11 5.03 14.09
O4 PG4 Q . 6.07 4.69 13.10
C7 PG4 Q . 6.69 3.40 13.23
C8 PG4 Q . 8.08 3.48 12.61
O5 PG4 Q . 9.07 2.98 13.52
#